data_8R15
#
_entry.id   8R15
#
_cell.length_a   83.060
_cell.length_b   83.060
_cell.length_c   57.964
_cell.angle_alpha   90.000
_cell.angle_beta   90.000
_cell.angle_gamma   120.000
#
_symmetry.space_group_name_H-M   'P 32 2 1'
#
loop_
_entity.id
_entity.type
_entity.pdbx_description
1 polymer 'TNT domain-containing protein'
2 branched alpha-D-mannopyranose-(1-3)-[alpha-D-mannopyranose-(1-6)]beta-D-mannopyranose-(1-4)-2-acetamido-2-deoxy-beta-D-glucopyranose-(1-4)-2-acetamido-2-deoxy-beta-D-glucopyranose
3 non-polymer GLYCEROL
4 water water
#
_entity_poly.entity_id   1
_entity_poly.type   'polypeptide(L)'
_entity_poly.pdbx_seq_one_letter_code
;MLPSFLLSSLLCLSTVSALPNPIIAERAACDCTGTRDGGSSSKDYICRDARLGPTKLPKKLPLSATVESYNRFGGLTPIQ
FLQTWTDEKGNYKYPPQNGFQLDANGNAINGSMVLQVGTLVDRFGSEYGSYVSAASAPYSQRALPPSNLATNPDTPDFPY
NYHVYRVIKPLTVVGGPIAPWFGQPGLGAQFFTGETGNVKFLIEQNYLQKEDPSALVYKSDGCADVLFQ
;
_entity_poly.pdbx_strand_id   A
#
loop_
_chem_comp.id
_chem_comp.type
_chem_comp.name
_chem_comp.formula
BMA D-saccharide, beta linking beta-D-mannopyranose 'C6 H12 O6'
GOL non-polymer GLYCEROL 'C3 H8 O3'
MAN D-saccharide, alpha linking alpha-D-mannopyranose 'C6 H12 O6'
NAG D-saccharide, beta linking 2-acetamido-2-deoxy-beta-D-glucopyranose 'C8 H15 N O6'
#
# COMPACT_ATOMS: atom_id res chain seq x y z
N ALA A 29 14.72 3.16 23.90
CA ALA A 29 15.74 2.72 22.95
C ALA A 29 15.92 3.72 21.81
N CYS A 30 15.10 3.58 20.77
CA CYS A 30 15.16 4.44 19.59
C CYS A 30 16.51 4.34 18.90
N ASP A 31 16.97 3.11 18.74
CA ASP A 31 18.29 2.83 18.22
C ASP A 31 18.15 1.83 17.08
N CYS A 32 19.27 1.58 16.39
CA CYS A 32 19.34 0.60 15.33
C CYS A 32 19.67 -0.79 15.85
N THR A 33 19.51 -1.03 17.15
CA THR A 33 19.72 -2.34 17.72
C THR A 33 18.72 -3.34 17.16
N GLY A 34 19.20 -4.54 16.83
CA GLY A 34 18.35 -5.59 16.32
C GLY A 34 18.07 -5.52 14.83
N THR A 35 18.43 -4.44 14.16
CA THR A 35 18.24 -4.37 12.72
C THR A 35 19.37 -5.13 12.02
N ARG A 36 19.39 -5.03 10.69
CA ARG A 36 20.34 -5.76 9.86
C ARG A 36 21.05 -4.75 8.97
N ASP A 37 22.30 -4.46 9.29
CA ASP A 37 23.09 -3.49 8.53
C ASP A 37 23.43 -4.08 7.16
N GLY A 38 22.80 -3.54 6.11
CA GLY A 38 23.08 -3.95 4.75
C GLY A 38 24.38 -3.40 4.18
N GLY A 39 25.01 -2.47 4.88
CA GLY A 39 26.25 -1.91 4.40
C GLY A 39 26.01 -0.65 3.60
N SER A 40 27.05 -0.24 2.88
CA SER A 40 26.97 0.98 2.11
C SER A 40 25.91 0.87 1.02
N SER A 41 25.69 -0.34 0.51
CA SER A 41 24.68 -0.51 -0.53
C SER A 41 23.29 -0.18 -0.03
N SER A 42 23.04 -0.31 1.27
CA SER A 42 21.75 0.03 1.86
C SER A 42 21.79 1.40 2.54
N LYS A 43 22.62 2.32 2.04
CA LYS A 43 22.79 3.62 2.69
C LYS A 43 21.51 4.47 2.64
N ASP A 44 20.58 4.15 1.76
CA ASP A 44 19.38 4.96 1.61
C ASP A 44 18.21 4.45 2.46
N TYR A 45 18.47 3.52 3.37
CA TYR A 45 17.40 2.93 4.17
C TYR A 45 17.66 3.16 5.65
N ILE A 46 16.58 3.16 6.44
CA ILE A 46 16.69 3.35 7.88
C ILE A 46 17.50 2.22 8.49
N CYS A 47 18.53 2.58 9.24
CA CYS A 47 19.45 1.62 9.86
C CYS A 47 20.13 0.73 8.83
N ARG A 48 20.16 1.17 7.58
CA ARG A 48 20.70 0.39 6.46
C ARG A 48 20.02 -0.97 6.34
N ASP A 49 18.77 -1.05 6.79
CA ASP A 49 17.96 -2.27 6.74
C ASP A 49 16.75 -1.96 5.88
N ALA A 50 16.79 -2.39 4.62
CA ALA A 50 15.73 -2.08 3.67
C ALA A 50 14.35 -2.57 4.12
N ARG A 51 14.28 -3.42 5.15
CA ARG A 51 12.98 -3.82 5.69
C ARG A 51 12.27 -2.65 6.34
N LEU A 52 13.02 -1.70 6.89
CA LEU A 52 12.49 -0.56 7.60
C LEU A 52 12.15 0.63 6.70
N GLY A 53 12.31 0.49 5.38
CA GLY A 53 11.93 1.53 4.46
C GLY A 53 13.03 2.55 4.21
N PRO A 54 12.84 3.41 3.21
CA PRO A 54 13.89 4.36 2.83
C PRO A 54 14.01 5.51 3.82
N THR A 55 15.21 6.09 3.86
CA THR A 55 15.41 7.30 4.66
C THR A 55 14.60 8.47 4.10
N LYS A 56 14.65 8.64 2.77
CA LYS A 56 13.89 9.67 2.07
C LYS A 56 12.60 9.06 1.53
N LEU A 57 11.46 9.57 1.97
CA LEU A 57 10.15 9.01 1.66
C LEU A 57 9.68 9.48 0.28
N PRO A 58 8.72 8.77 -0.32
CA PRO A 58 8.23 9.21 -1.64
C PRO A 58 7.68 10.62 -1.57
N LYS A 59 7.87 11.36 -2.66
CA LYS A 59 7.61 12.80 -2.60
C LYS A 59 6.13 13.13 -2.69
N LYS A 60 5.33 12.32 -3.35
CA LYS A 60 3.93 12.64 -3.58
C LYS A 60 2.94 11.62 -3.03
N LEU A 61 3.41 10.54 -2.39
CA LEU A 61 2.51 9.56 -1.82
C LEU A 61 2.01 10.03 -0.46
N PRO A 62 0.70 10.13 -0.25
CA PRO A 62 0.18 10.45 1.10
C PRO A 62 0.47 9.29 2.03
N LEU A 63 1.24 9.55 3.07
CA LEU A 63 1.56 8.47 4.00
C LEU A 63 0.55 8.36 5.13
N SER A 64 -0.11 9.45 5.50
CA SER A 64 -1.05 9.43 6.61
C SER A 64 -2.02 10.60 6.45
N ALA A 65 -2.87 10.77 7.45
CA ALA A 65 -3.67 11.97 7.58
C ALA A 65 -2.99 12.93 8.55
N THR A 66 -3.52 14.14 8.65
CA THR A 66 -2.93 15.11 9.56
C THR A 66 -3.21 14.76 11.01
N VAL A 67 -4.36 14.15 11.28
CA VAL A 67 -4.74 13.84 12.65
C VAL A 67 -3.94 12.67 13.22
N GLU A 68 -3.26 11.89 12.38
CA GLU A 68 -2.54 10.71 12.86
C GLU A 68 -1.32 10.53 11.95
N SER A 69 -0.21 11.19 12.30
CA SER A 69 0.99 11.16 11.48
C SER A 69 1.46 9.73 11.27
N TYR A 70 2.16 9.52 10.16
CA TYR A 70 2.67 8.19 9.86
C TYR A 70 3.92 7.92 10.70
N ASN A 71 4.03 6.68 11.17
CA ASN A 71 5.21 6.24 11.90
C ASN A 71 5.55 4.83 11.40
N ARG A 72 6.71 4.71 10.74
CA ARG A 72 7.04 3.45 10.07
C ARG A 72 7.12 2.27 11.05
N PHE A 73 7.31 2.54 12.34
CA PHE A 73 7.45 1.49 13.33
C PHE A 73 6.21 1.31 14.19
N GLY A 74 5.12 2.03 13.89
CA GLY A 74 3.92 1.91 14.69
C GLY A 74 4.09 2.38 16.12
N GLY A 75 4.92 3.40 16.34
CA GLY A 75 5.16 3.89 17.67
C GLY A 75 6.13 3.07 18.49
N LEU A 76 6.68 2.01 17.93
CA LEU A 76 7.66 1.16 18.59
C LEU A 76 9.08 1.48 18.14
N THR A 77 10.03 0.92 18.86
CA THR A 77 11.42 1.00 18.45
C THR A 77 11.71 -0.13 17.44
N PRO A 78 12.71 0.06 16.56
CA PRO A 78 12.96 -0.96 15.52
C PRO A 78 12.99 -2.39 16.02
N ILE A 79 13.73 -2.68 17.09
CA ILE A 79 13.80 -4.06 17.59
C ILE A 79 12.42 -4.54 18.04
N GLN A 80 11.66 -3.68 18.75
CA GLN A 80 10.30 -4.04 19.12
C GLN A 80 9.42 -4.25 17.91
N PHE A 81 9.59 -3.42 16.88
CA PHE A 81 8.84 -3.57 15.64
C PHE A 81 9.23 -4.85 14.92
N LEU A 82 10.53 -5.14 14.82
CA LEU A 82 10.94 -6.40 14.21
C LEU A 82 10.45 -7.59 15.01
N GLN A 83 10.60 -7.55 16.33
CA GLN A 83 10.14 -8.64 17.19
C GLN A 83 8.66 -8.93 17.00
N THR A 84 7.86 -7.90 16.75
CA THR A 84 6.42 -8.07 16.71
C THR A 84 5.94 -8.54 15.34
N TRP A 85 6.62 -8.13 14.26
CA TRP A 85 6.08 -8.28 12.92
C TRP A 85 6.97 -9.13 12.02
N THR A 86 8.08 -9.66 12.51
CA THR A 86 8.90 -10.55 11.71
C THR A 86 9.00 -11.91 12.40
N ASP A 87 9.36 -12.92 11.61
CA ASP A 87 9.57 -14.28 12.06
C ASP A 87 11.06 -14.50 12.34
N GLU A 88 11.43 -15.76 12.54
CA GLU A 88 12.81 -16.08 12.88
C GLU A 88 13.76 -15.79 11.72
N LYS A 89 13.29 -15.90 10.49
CA LYS A 89 14.14 -15.56 9.35
C LYS A 89 14.21 -14.07 9.09
N GLY A 90 13.47 -13.25 9.85
CA GLY A 90 13.42 -11.84 9.62
C GLY A 90 12.46 -11.41 8.53
N ASN A 91 11.60 -12.31 8.05
CA ASN A 91 10.62 -11.98 7.03
C ASN A 91 9.33 -11.53 7.69
N TYR A 92 8.65 -10.56 7.07
CA TYR A 92 7.48 -9.97 7.69
C TYR A 92 6.35 -11.00 7.81
N LYS A 93 5.69 -10.99 8.97
CA LYS A 93 4.50 -11.80 9.19
C LYS A 93 3.28 -11.00 8.72
N TYR A 94 2.43 -11.64 7.92
CA TYR A 94 1.34 -10.93 7.27
C TYR A 94 -0.02 -11.32 7.85
N PRO A 95 -1.00 -10.42 7.80
CA PRO A 95 -2.31 -10.67 8.46
C PRO A 95 -3.03 -11.89 7.91
N PRO A 96 -3.86 -12.53 8.72
CA PRO A 96 -4.58 -13.73 8.26
C PRO A 96 -5.76 -13.35 7.35
N GLN A 97 -6.28 -14.37 6.68
CA GLN A 97 -7.42 -14.25 5.77
C GLN A 97 -7.27 -13.05 4.84
N ASN A 98 -6.11 -13.01 4.18
CA ASN A 98 -5.82 -12.07 3.10
C ASN A 98 -5.86 -10.61 3.57
N GLY A 99 -5.74 -10.38 4.87
CA GLY A 99 -5.65 -9.03 5.40
C GLY A 99 -6.97 -8.30 5.55
N PHE A 100 -8.10 -8.95 5.27
CA PHE A 100 -9.38 -8.36 5.56
C PHE A 100 -9.58 -8.22 7.07
N GLN A 101 -10.30 -7.18 7.47
CA GLN A 101 -10.76 -7.07 8.84
C GLN A 101 -11.67 -8.24 9.17
N LEU A 102 -11.36 -8.96 10.25
CA LEU A 102 -12.13 -10.12 10.66
C LEU A 102 -13.28 -9.70 11.57
N ASP A 103 -14.45 -10.29 11.35
CA ASP A 103 -15.61 -10.00 12.18
C ASP A 103 -15.41 -10.53 13.59
N ALA A 104 -16.42 -10.33 14.44
CA ALA A 104 -16.36 -10.83 15.81
C ALA A 104 -16.20 -12.34 15.86
N ASN A 105 -16.78 -13.06 14.89
CA ASN A 105 -16.66 -14.51 14.82
C ASN A 105 -15.38 -14.97 14.14
N GLY A 106 -14.47 -14.06 13.83
CA GLY A 106 -13.22 -14.43 13.20
C GLY A 106 -13.27 -14.62 11.71
N ASN A 107 -14.32 -14.16 11.06
CA ASN A 107 -14.49 -14.30 9.62
C ASN A 107 -14.27 -12.95 8.94
N ALA A 108 -13.56 -12.98 7.80
CA ALA A 108 -13.21 -11.74 7.11
C ALA A 108 -14.46 -11.00 6.67
N ILE A 109 -14.42 -9.68 6.82
CA ILE A 109 -15.49 -8.81 6.37
C ILE A 109 -15.22 -8.48 4.90
N ASN A 110 -16.07 -8.98 4.00
CA ASN A 110 -15.94 -8.67 2.60
C ASN A 110 -17.26 -8.96 1.90
N GLY A 111 -17.26 -8.80 0.58
CA GLY A 111 -18.42 -9.13 -0.22
C GLY A 111 -18.23 -8.78 -1.68
N SER A 112 -18.92 -9.50 -2.56
CA SER A 112 -18.83 -9.24 -3.99
C SER A 112 -19.47 -7.90 -4.32
N MET A 113 -18.70 -7.00 -4.90
CA MET A 113 -19.19 -5.68 -5.29
C MET A 113 -18.63 -5.28 -6.65
N VAL A 114 -19.39 -4.45 -7.35
CA VAL A 114 -18.98 -3.95 -8.66
C VAL A 114 -18.24 -2.64 -8.49
N LEU A 115 -17.07 -2.53 -9.11
CA LEU A 115 -16.34 -1.27 -9.19
C LEU A 115 -16.81 -0.51 -10.42
N GLN A 116 -17.40 0.66 -10.20
CA GLN A 116 -17.92 1.48 -11.29
C GLN A 116 -16.79 2.03 -12.15
N VAL A 117 -17.12 2.27 -13.42
CA VAL A 117 -16.15 2.86 -14.34
C VAL A 117 -15.68 4.20 -13.80
N GLY A 118 -14.37 4.47 -13.95
CA GLY A 118 -13.77 5.68 -13.44
C GLY A 118 -13.16 5.54 -12.06
N THR A 119 -13.46 4.45 -11.36
CA THR A 119 -12.86 4.19 -10.07
C THR A 119 -11.35 4.02 -10.22
N LEU A 120 -10.60 4.58 -9.27
CA LEU A 120 -9.15 4.54 -9.29
C LEU A 120 -8.68 3.57 -8.21
N VAL A 121 -7.93 2.56 -8.60
CA VAL A 121 -7.37 1.63 -7.64
C VAL A 121 -5.86 1.61 -7.83
N ASP A 122 -5.15 1.17 -6.79
CA ASP A 122 -3.70 1.09 -6.81
C ASP A 122 -3.24 -0.22 -6.20
N ARG A 123 -1.94 -0.47 -6.28
CA ARG A 123 -1.36 -1.71 -5.80
C ARG A 123 0.13 -1.50 -5.53
N PHE A 124 0.64 -2.12 -4.46
CA PHE A 124 2.07 -2.21 -4.19
C PHE A 124 2.50 -3.63 -4.54
N GLY A 125 3.19 -3.79 -5.66
CA GLY A 125 3.56 -5.12 -6.13
C GLY A 125 3.34 -5.36 -7.61
N SER A 126 3.69 -6.56 -8.08
CA SER A 126 3.64 -6.84 -9.52
C SER A 126 2.20 -7.06 -9.98
N GLU A 127 2.02 -6.95 -11.29
CA GLU A 127 0.70 -7.14 -11.88
C GLU A 127 0.23 -8.58 -11.84
N TYR A 128 1.11 -9.53 -11.47
CA TYR A 128 0.69 -10.92 -11.35
C TYR A 128 -0.07 -11.17 -10.06
N GLY A 129 -0.21 -10.15 -9.19
CA GLY A 129 -1.04 -10.27 -8.02
C GLY A 129 -2.48 -9.89 -8.32
N SER A 130 -3.34 -10.10 -7.34
CA SER A 130 -4.78 -10.00 -7.55
C SER A 130 -5.45 -9.16 -6.47
N TYR A 131 -4.73 -8.17 -5.92
CA TYR A 131 -5.28 -7.32 -4.88
C TYR A 131 -5.04 -5.85 -5.24
N VAL A 132 -6.12 -5.11 -5.42
CA VAL A 132 -6.06 -3.67 -5.62
C VAL A 132 -6.73 -2.99 -4.41
N SER A 133 -6.48 -1.69 -4.27
CA SER A 133 -7.01 -0.93 -3.15
C SER A 133 -7.53 0.42 -3.62
N ALA A 134 -8.45 0.99 -2.84
CA ALA A 134 -8.92 2.33 -3.12
C ALA A 134 -7.75 3.30 -3.08
N ALA A 135 -7.48 3.96 -4.21
CA ALA A 135 -6.26 4.74 -4.36
C ALA A 135 -6.21 5.93 -3.41
N SER A 136 -7.35 6.44 -2.95
CA SER A 136 -7.33 7.66 -2.15
C SER A 136 -6.96 7.43 -0.69
N ALA A 137 -6.82 6.17 -0.24
CA ALA A 137 -6.45 5.90 1.15
C ALA A 137 -4.97 6.16 1.38
N PRO A 138 -4.60 6.90 2.42
CA PRO A 138 -3.18 7.09 2.73
C PRO A 138 -2.50 5.77 3.09
N TYR A 139 -1.17 5.78 2.98
CA TYR A 139 -0.39 4.56 3.19
C TYR A 139 -0.61 3.98 4.58
N SER A 140 -0.90 4.81 5.57
CA SER A 140 -1.15 4.30 6.92
C SER A 140 -2.35 3.39 6.98
N GLN A 141 -3.24 3.47 5.99
CA GLN A 141 -4.48 2.73 5.97
C GLN A 141 -4.37 1.41 5.22
N ARG A 142 -3.25 1.15 4.58
CA ARG A 142 -3.13 -0.07 3.81
C ARG A 142 -2.53 -1.22 4.60
N ALA A 143 -1.98 -0.93 5.78
CA ALA A 143 -1.43 -1.95 6.66
C ALA A 143 -0.40 -2.79 5.92
N LEU A 144 0.60 -2.09 5.38
CA LEU A 144 1.72 -2.63 4.63
C LEU A 144 3.03 -2.21 5.28
N PRO A 145 4.04 -3.07 5.27
CA PRO A 145 5.30 -2.76 5.97
C PRO A 145 6.00 -1.59 5.32
N PRO A 146 6.88 -0.89 6.04
CA PRO A 146 7.55 0.28 5.45
C PRO A 146 8.49 -0.04 4.29
N SER A 147 8.84 -1.31 4.07
CA SER A 147 9.71 -1.66 2.95
C SER A 147 9.11 -1.23 1.61
N ASN A 148 7.80 -1.34 1.44
CA ASN A 148 7.18 -0.99 0.17
C ASN A 148 7.35 0.47 -0.20
N LEU A 149 7.85 1.31 0.71
CA LEU A 149 8.04 2.72 0.42
C LEU A 149 9.35 3.01 -0.28
N ALA A 150 10.16 1.98 -0.54
CA ALA A 150 11.39 2.17 -1.29
C ALA A 150 11.06 2.76 -2.65
N THR A 151 11.87 3.73 -3.05
CA THR A 151 11.53 4.56 -4.19
C THR A 151 12.70 4.59 -5.16
N ASN A 152 12.37 4.50 -6.45
CA ASN A 152 13.37 4.65 -7.50
C ASN A 152 13.89 6.08 -7.53
N PRO A 153 15.19 6.31 -7.37
CA PRO A 153 15.70 7.68 -7.38
C PRO A 153 15.48 8.42 -8.69
N ASP A 154 15.25 7.72 -9.81
CA ASP A 154 14.98 8.37 -11.08
C ASP A 154 13.56 8.90 -11.16
N THR A 155 12.61 8.22 -10.54
CA THR A 155 11.22 8.66 -10.50
C THR A 155 10.78 8.66 -9.05
N PRO A 156 11.17 9.70 -8.29
CA PRO A 156 11.01 9.66 -6.84
C PRO A 156 9.63 10.02 -6.32
N ASP A 157 8.64 10.28 -7.18
CA ASP A 157 7.34 10.74 -6.70
C ASP A 157 6.60 9.65 -5.92
N PHE A 158 6.68 8.41 -6.38
CA PHE A 158 5.95 7.30 -5.79
C PHE A 158 6.89 6.11 -5.67
N PRO A 159 6.59 5.15 -4.79
CA PRO A 159 7.46 3.98 -4.63
C PRO A 159 7.66 3.21 -5.94
N TYR A 160 8.67 2.33 -5.94
CA TYR A 160 9.04 1.65 -7.18
C TYR A 160 8.01 0.60 -7.57
N ASN A 161 7.42 -0.08 -6.59
CA ASN A 161 6.42 -1.11 -6.86
C ASN A 161 4.99 -0.56 -6.83
N TYR A 162 4.80 0.74 -7.03
CA TYR A 162 3.50 1.37 -6.93
C TYR A 162 2.90 1.58 -8.32
N HIS A 163 1.69 1.06 -8.53
CA HIS A 163 0.99 1.22 -9.79
C HIS A 163 -0.43 1.68 -9.54
N VAL A 164 -0.96 2.49 -10.46
CA VAL A 164 -2.30 3.05 -10.34
C VAL A 164 -3.10 2.64 -11.57
N TYR A 165 -4.30 2.11 -11.35
CA TYR A 165 -5.16 1.69 -12.43
C TYR A 165 -6.51 2.37 -12.30
N ARG A 166 -7.15 2.58 -13.45
CA ARG A 166 -8.51 3.12 -13.53
C ARG A 166 -9.39 2.08 -14.19
N VAL A 167 -10.46 1.66 -13.50
CA VAL A 167 -11.32 0.66 -14.10
C VAL A 167 -12.10 1.30 -15.23
N ILE A 168 -12.03 0.70 -16.41
CA ILE A 168 -12.66 1.20 -17.63
C ILE A 168 -13.84 0.37 -18.05
N LYS A 169 -14.13 -0.73 -17.33
CA LYS A 169 -15.22 -1.61 -17.62
C LYS A 169 -15.61 -2.13 -16.24
N PRO A 170 -16.90 -2.17 -15.91
CA PRO A 170 -17.30 -2.55 -14.54
C PRO A 170 -16.75 -3.91 -14.15
N LEU A 171 -16.03 -3.95 -13.03
CA LEU A 171 -15.35 -5.14 -12.56
C LEU A 171 -15.90 -5.50 -11.19
N THR A 172 -16.55 -6.65 -11.09
CA THR A 172 -16.98 -7.15 -9.80
C THR A 172 -15.77 -7.70 -9.04
N VAL A 173 -15.65 -7.33 -7.77
CA VAL A 173 -14.55 -7.81 -6.92
C VAL A 173 -15.12 -8.14 -5.56
N VAL A 174 -14.34 -8.88 -4.77
CA VAL A 174 -14.69 -9.10 -3.37
C VAL A 174 -13.88 -8.08 -2.57
N GLY A 175 -14.58 -7.07 -2.06
CA GLY A 175 -13.96 -5.93 -1.42
C GLY A 175 -14.30 -5.86 0.05
N GLY A 176 -13.39 -5.30 0.85
CA GLY A 176 -13.60 -5.18 2.26
C GLY A 176 -12.61 -4.25 2.93
N PRO A 177 -12.81 -4.01 4.22
CA PRO A 177 -11.86 -3.19 4.98
C PRO A 177 -10.57 -3.96 5.26
N ILE A 178 -9.48 -3.21 5.30
CA ILE A 178 -8.15 -3.76 5.56
C ILE A 178 -7.93 -3.83 7.06
N ALA A 179 -7.48 -4.97 7.56
CA ALA A 179 -7.26 -5.10 8.99
C ALA A 179 -6.01 -4.33 9.42
N PRO A 180 -6.04 -3.65 10.56
CA PRO A 180 -4.82 -3.04 11.08
C PRO A 180 -3.72 -4.08 11.23
N TRP A 181 -2.48 -3.65 10.96
CA TRP A 181 -1.34 -4.56 10.99
C TRP A 181 -0.08 -3.72 10.86
N PHE A 182 1.05 -4.33 11.18
CA PHE A 182 2.35 -3.66 11.16
C PHE A 182 2.34 -2.35 11.94
N GLY A 183 1.50 -2.27 12.98
CA GLY A 183 1.41 -1.05 13.75
C GLY A 183 0.67 0.09 13.09
N GLN A 184 0.08 -0.15 11.90
CA GLN A 184 -0.62 0.86 11.12
C GLN A 184 -2.13 0.79 11.38
N PRO A 185 -2.79 1.94 11.27
CA PRO A 185 -4.25 1.96 11.52
C PRO A 185 -5.04 1.10 10.53
N GLY A 186 -4.57 0.96 9.30
CA GLY A 186 -5.28 0.12 8.35
C GLY A 186 -6.64 0.71 8.03
N LEU A 187 -7.62 -0.17 7.84
CA LEU A 187 -9.03 0.16 7.61
C LEU A 187 -9.26 0.83 6.26
N GLY A 188 -8.29 0.78 5.36
CA GLY A 188 -8.54 1.12 3.97
C GLY A 188 -9.37 0.04 3.30
N ALA A 189 -9.66 0.26 2.03
CA ALA A 189 -10.49 -0.66 1.27
C ALA A 189 -9.61 -1.42 0.27
N GLN A 190 -9.62 -2.73 0.36
CA GLN A 190 -8.91 -3.57 -0.58
C GLN A 190 -9.91 -4.38 -1.38
N PHE A 191 -9.49 -4.81 -2.57
CA PHE A 191 -10.36 -5.55 -3.48
C PHE A 191 -9.58 -6.70 -4.09
N PHE A 192 -10.06 -7.92 -3.87
CA PHE A 192 -9.52 -9.12 -4.51
C PHE A 192 -10.14 -9.27 -5.88
N THR A 193 -9.29 -9.34 -6.91
CA THR A 193 -9.77 -9.45 -8.28
C THR A 193 -9.66 -10.87 -8.83
N GLY A 194 -9.20 -11.82 -8.02
CA GLY A 194 -8.88 -13.15 -8.52
C GLY A 194 -10.06 -13.94 -9.04
N GLU A 195 -11.29 -13.53 -8.70
CA GLU A 195 -12.45 -14.19 -9.27
C GLU A 195 -12.52 -13.99 -10.77
N THR A 196 -12.06 -12.84 -11.25
CA THR A 196 -11.92 -12.57 -12.67
C THR A 196 -10.52 -12.87 -13.18
N GLY A 197 -9.51 -12.25 -12.57
CA GLY A 197 -8.13 -12.56 -12.88
C GLY A 197 -7.20 -11.57 -12.21
N ASN A 198 -5.90 -11.84 -12.36
CA ASN A 198 -4.90 -10.95 -11.80
C ASN A 198 -4.86 -9.64 -12.59
N VAL A 199 -4.09 -8.67 -12.06
CA VAL A 199 -4.07 -7.33 -12.63
C VAL A 199 -3.65 -7.38 -14.09
N LYS A 200 -2.71 -8.28 -14.42
CA LYS A 200 -2.29 -8.48 -15.81
C LYS A 200 -3.45 -8.90 -16.69
N PHE A 201 -4.25 -9.87 -16.22
CA PHE A 201 -5.44 -10.28 -16.97
C PHE A 201 -6.42 -9.13 -17.12
N LEU A 202 -6.57 -8.31 -16.08
CA LEU A 202 -7.53 -7.21 -16.15
C LEU A 202 -7.10 -6.17 -17.17
N ILE A 203 -5.80 -5.93 -17.30
CA ILE A 203 -5.31 -5.01 -18.32
C ILE A 203 -5.50 -5.61 -19.71
N GLU A 204 -5.11 -6.88 -19.88
CA GLU A 204 -5.23 -7.53 -21.18
C GLU A 204 -6.67 -7.60 -21.65
N GLN A 205 -7.62 -7.73 -20.73
CA GLN A 205 -9.02 -7.88 -21.08
C GLN A 205 -9.79 -6.57 -20.98
N ASN A 206 -9.09 -5.45 -20.87
CA ASN A 206 -9.68 -4.11 -20.88
C ASN A 206 -10.57 -3.86 -19.66
N TYR A 207 -10.33 -4.57 -18.57
CA TYR A 207 -11.02 -4.24 -17.32
C TYR A 207 -10.36 -3.07 -16.62
N LEU A 208 -9.03 -3.03 -16.60
CA LEU A 208 -8.28 -1.95 -15.98
C LEU A 208 -7.39 -1.26 -17.00
N GLN A 209 -6.97 -0.06 -16.64
CA GLN A 209 -6.17 0.79 -17.52
C GLN A 209 -5.03 1.37 -16.69
N LYS A 210 -3.79 1.15 -17.14
CA LYS A 210 -2.64 1.68 -16.42
C LYS A 210 -2.64 3.20 -16.46
N GLU A 211 -2.35 3.81 -15.32
CA GLU A 211 -2.29 5.27 -15.21
C GLU A 211 -0.89 5.69 -14.75
N ASP A 212 -0.56 6.97 -15.00
CA ASP A 212 0.71 7.52 -14.52
C ASP A 212 0.44 8.34 -13.27
N PRO A 213 0.87 7.90 -12.09
CA PRO A 213 0.56 8.65 -10.87
C PRO A 213 1.16 10.04 -10.84
N SER A 214 2.40 10.21 -11.32
CA SER A 214 2.97 11.54 -11.40
C SER A 214 2.20 12.43 -12.37
N ALA A 215 1.47 11.84 -13.31
CA ALA A 215 0.64 12.63 -14.20
C ALA A 215 -0.73 12.88 -13.60
N LEU A 216 -1.20 12.00 -12.72
CA LEU A 216 -2.51 12.19 -12.11
C LEU A 216 -2.49 13.27 -11.04
N VAL A 217 -1.33 13.55 -10.45
CA VAL A 217 -1.25 14.61 -9.45
C VAL A 217 -1.64 15.95 -10.06
N TYR A 218 -1.36 16.13 -11.34
CA TYR A 218 -1.67 17.37 -12.04
C TYR A 218 -3.06 17.36 -12.69
N LYS A 219 -3.86 16.33 -12.45
CA LYS A 219 -5.17 16.22 -13.07
C LYS A 219 -6.21 17.00 -12.30
N SER A 220 -7.16 17.57 -13.03
CA SER A 220 -8.23 18.35 -12.41
C SER A 220 -9.41 18.47 -13.36
N ASP A 221 -10.16 17.38 -13.53
CA ASP A 221 -11.30 17.34 -14.45
C ASP A 221 -12.53 17.84 -13.71
N GLY A 222 -12.85 19.12 -13.91
CA GLY A 222 -14.00 19.70 -13.25
C GLY A 222 -13.89 21.21 -13.23
N CYS A 223 -14.81 21.82 -12.49
CA CYS A 223 -14.84 23.27 -12.31
C CYS A 223 -14.01 23.63 -11.07
N ALA A 224 -12.93 24.37 -11.28
CA ALA A 224 -12.12 24.84 -10.16
C ALA A 224 -12.87 25.92 -9.39
N ASP A 225 -12.55 26.04 -8.10
CA ASP A 225 -13.21 27.03 -7.26
C ASP A 225 -12.88 28.46 -7.66
N VAL A 226 -11.78 28.67 -8.38
CA VAL A 226 -11.41 30.00 -8.83
C VAL A 226 -12.42 30.58 -9.81
N LEU A 227 -13.20 29.74 -10.49
CA LEU A 227 -14.20 30.21 -11.42
C LEU A 227 -15.41 30.81 -10.73
N PHE A 228 -15.39 30.94 -9.41
CA PHE A 228 -16.54 31.47 -8.68
C PHE A 228 -16.15 32.61 -7.75
C1 NAG B . -14.32 -13.15 2.61
C2 NAG B . -13.09 -13.98 2.23
C3 NAG B . -13.45 -15.47 2.32
C4 NAG B . -14.09 -15.84 3.67
C5 NAG B . -15.20 -14.84 3.99
C6 NAG B . -15.82 -15.02 5.35
C7 NAG B . -11.37 -13.21 0.64
C8 NAG B . -11.09 -12.92 -0.82
N2 NAG B . -12.62 -13.64 0.91
O3 NAG B . -12.29 -16.22 2.07
O4 NAG B . -14.61 -17.13 3.52
O5 NAG B . -14.68 -13.53 3.91
O6 NAG B . -14.82 -15.43 6.25
O7 NAG B . -10.51 -13.05 1.49
C1 NAG B . -13.78 -18.11 4.19
C2 NAG B . -14.72 -19.14 4.83
C3 NAG B . -13.90 -20.29 5.41
C4 NAG B . -12.97 -20.87 4.36
C5 NAG B . -12.09 -19.76 3.76
C6 NAG B . -11.20 -20.18 2.61
C7 NAG B . -16.89 -18.52 5.84
C8 NAG B . -17.51 -17.84 7.04
N2 NAG B . -15.54 -18.55 5.84
O3 NAG B . -14.81 -21.26 5.88
O4 NAG B . -12.21 -21.81 5.09
O5 NAG B . -12.91 -18.71 3.26
O6 NAG B . -11.97 -20.59 1.51
O7 NAG B . -17.60 -18.99 4.96
C1 BMA B . -12.39 -23.14 4.53
C2 BMA B . -11.16 -23.92 5.00
C3 BMA B . -11.26 -25.42 4.65
C4 BMA B . -12.61 -26.00 5.11
C5 BMA B . -13.78 -25.14 4.68
C6 BMA B . -15.14 -25.58 5.20
O2 BMA B . -11.02 -23.70 6.37
O3 BMA B . -10.11 -26.02 5.23
O4 BMA B . -12.71 -27.29 4.53
O5 BMA B . -13.58 -23.76 4.97
O6 BMA B . -16.04 -24.55 4.86
C1 MAN B . -9.01 -26.12 4.28
C2 MAN B . -7.99 -27.13 4.81
C3 MAN B . -7.30 -26.61 6.06
C4 MAN B . -6.68 -25.23 5.83
C5 MAN B . -7.78 -24.31 5.28
C6 MAN B . -7.29 -22.93 4.91
O2 MAN B . -7.05 -27.38 3.79
O3 MAN B . -6.35 -27.55 6.45
O4 MAN B . -6.21 -24.78 7.08
O5 MAN B . -8.36 -24.88 4.11
O6 MAN B . -7.44 -22.12 6.04
C1 MAN B . -17.35 -24.85 5.40
C2 MAN B . -18.31 -23.77 4.87
C3 MAN B . -17.98 -22.43 5.52
C4 MAN B . -18.04 -22.51 7.03
C5 MAN B . -17.10 -23.64 7.50
C6 MAN B . -17.21 -23.91 8.99
O2 MAN B . -19.62 -24.19 5.17
O3 MAN B . -18.90 -21.49 5.00
O4 MAN B . -17.63 -21.25 7.53
O5 MAN B . -17.39 -24.86 6.81
O6 MAN B . -16.52 -22.90 9.71
C1 GOL C . -3.46 -7.77 2.78
O1 GOL C . -2.17 -7.72 3.35
C2 GOL C . -3.40 -8.26 1.35
O2 GOL C . -2.97 -7.17 0.57
C3 GOL C . -2.48 -9.47 1.20
O3 GOL C . -2.81 -10.22 0.03
#